data_5YBO
#
_entry.id   5YBO
#
_cell.length_a   171.816
_cell.length_b   171.816
_cell.length_c   45.665
_cell.angle_alpha   90.00
_cell.angle_beta   90.00
_cell.angle_gamma   120.00
#
_symmetry.space_group_name_H-M   'P 62'
#
loop_
_entity.id
_entity.type
_entity.pdbx_description
1 polymer PrhA
2 non-polymer 'FE (III) ION'
3 non-polymer '2-OXOGLUTARIC ACID'
4 non-polymer 'preaustinoid A1'
5 water water
#
_entity_poly.entity_id   1
_entity_poly.type   'polypeptide(L)'
_entity_poly.pdbx_seq_one_letter_code
;MGSSHHHHHHSSGLVPRGSHMPPRLQRFPATASADEIFAAFQEDGCVVIEGFISPEQVARFSQEVDPAMEKIPVEVTNNG
NSNDRTKRFSKCVIASPTFRNEIIESDLMHELCDRVFSKPGEGMGYHFNDNMVIEVQPGAPAQRLHRDQELYPWWNSMGP
AGPECVINFFCAVTPFTEENGATRLVPGSHLWPEFTQINERDCPQFGKIETVPAIMQPGDCYLMSGKVIHGAGHNATTTD
RRRALALAIIRRELRPMQAFSLSVPMKLAREMSERSQTMFGFRSSVQHCDVDMVHFWGNDGKDIAHHLGLISSA
;
_entity_poly.pdbx_strand_id   A,B
#
loop_
_chem_comp.id
_chem_comp.type
_chem_comp.name
_chem_comp.formula
8SX non-polymer 'preaustinoid A1' 'C26 H36 O7'
AKG non-polymer '2-OXOGLUTARIC ACID' 'C5 H6 O5'
FE non-polymer 'FE (III) ION' 'Fe 3'
#
# COMPACT_ATOMS: atom_id res chain seq x y z
N LEU A 14 -5.00 15.66 41.04
CA LEU A 14 -6.39 15.54 40.59
C LEU A 14 -7.14 16.87 40.70
N VAL A 15 -8.46 16.81 40.56
CA VAL A 15 -9.33 17.99 40.55
C VAL A 15 -10.19 17.97 41.81
N PRO A 16 -10.83 19.09 42.20
CA PRO A 16 -11.82 19.12 43.30
C PRO A 16 -13.06 18.25 43.03
N GLY A 18 -16.26 17.74 42.91
CA GLY A 18 -17.18 17.48 41.80
C GLY A 18 -16.76 18.09 40.48
N SER A 19 -15.47 18.39 40.37
CA SER A 19 -14.91 18.85 39.13
C SER A 19 -14.97 17.74 38.08
N HIS A 20 -15.22 18.11 36.83
CA HIS A 20 -15.31 17.13 35.75
C HIS A 20 -13.94 16.50 35.48
N MET A 21 -13.89 15.16 35.51
CA MET A 21 -12.65 14.43 35.29
C MET A 21 -12.48 14.12 33.81
N PRO A 22 -11.41 14.57 33.16
CA PRO A 22 -11.23 14.34 31.73
C PRO A 22 -10.57 12.99 31.48
N PRO A 23 -10.56 12.50 30.23
CA PRO A 23 -10.04 11.15 29.95
C PRO A 23 -8.58 10.94 30.37
N ARG A 24 -8.30 9.71 30.81
CA ARG A 24 -6.95 9.31 31.20
C ARG A 24 -6.15 8.90 29.97
N LEU A 25 -4.89 9.27 29.96
CA LEU A 25 -3.91 8.77 29.01
C LEU A 25 -2.94 7.93 29.83
N GLN A 26 -2.95 6.61 29.60
CA GLN A 26 -2.09 5.76 30.40
C GLN A 26 -0.63 6.07 30.10
N ARG A 27 0.21 6.00 31.14
CA ARG A 27 1.63 6.29 31.05
C ARG A 27 2.43 5.09 31.57
N PHE A 28 3.45 4.69 30.84
CA PHE A 28 4.39 3.63 31.21
C PHE A 28 5.81 4.11 30.95
N PRO A 29 6.78 3.58 31.70
CA PRO A 29 8.18 3.76 31.31
C PRO A 29 8.56 2.79 30.21
N ALA A 30 9.64 3.15 29.49
CA ALA A 30 10.10 2.33 28.37
C ALA A 30 10.59 0.94 28.81
N THR A 31 10.72 0.72 30.11
CA THR A 31 11.11 -0.56 30.66
C THR A 31 9.93 -1.41 31.10
N ALA A 32 8.71 -0.93 30.92
CA ALA A 32 7.57 -1.81 31.16
C ALA A 32 7.57 -2.91 30.09
N SER A 33 6.82 -3.97 30.36
CA SER A 33 6.71 -5.04 29.38
C SER A 33 5.85 -4.59 28.22
N ALA A 34 6.26 -5.00 27.01
CA ALA A 34 5.50 -4.67 25.80
C ALA A 34 4.05 -5.11 25.93
N ASP A 35 3.79 -6.26 26.56
CA ASP A 35 2.42 -6.70 26.74
C ASP A 35 1.64 -5.74 27.63
N GLU A 36 2.31 -5.14 28.62
CA GLU A 36 1.65 -4.17 29.49
C GLU A 36 1.25 -2.93 28.70
N ILE A 37 2.15 -2.45 27.84
CA ILE A 37 1.90 -1.27 27.03
C ILE A 37 0.91 -1.58 25.91
N PHE A 38 0.93 -2.79 25.35
CA PHE A 38 0.03 -3.10 24.24
C PHE A 38 -1.42 -3.22 24.72
N ALA A 39 -1.62 -3.76 25.93
CA ALA A 39 -2.97 -3.82 26.49
C ALA A 39 -3.54 -2.41 26.64
N ALA A 40 -2.74 -1.49 27.19
CA ALA A 40 -3.14 -0.09 27.27
C ALA A 40 -3.46 0.46 25.88
N PHE A 41 -2.53 0.32 24.95
CA PHE A 41 -2.81 0.64 23.55
C PHE A 41 -4.12 0.02 23.10
N GLN A 42 -4.37 -1.24 23.49
CA GLN A 42 -5.56 -1.92 23.02
C GLN A 42 -6.83 -1.33 23.63
N GLU A 43 -6.84 -1.05 24.94
CA GLU A 43 -8.07 -0.54 25.53
C GLU A 43 -8.35 0.89 25.08
N ASP A 44 -7.32 1.74 24.98
CA ASP A 44 -7.53 3.17 24.72
C ASP A 44 -7.14 3.65 23.34
N GLY A 45 -6.37 2.86 22.57
CA GLY A 45 -5.93 3.28 21.25
C GLY A 45 -4.69 4.13 21.26
N CYS A 46 -4.16 4.43 22.45
CA CYS A 46 -2.99 5.28 22.61
C CYS A 46 -2.43 5.08 24.02
N VAL A 47 -1.16 5.40 24.18
CA VAL A 47 -0.47 5.19 25.45
C VAL A 47 0.85 5.95 25.41
N VAL A 48 1.25 6.54 26.54
CA VAL A 48 2.53 7.25 26.63
C VAL A 48 3.61 6.26 27.05
N ILE A 49 4.72 6.25 26.34
CA ILE A 49 5.91 5.51 26.72
C ILE A 49 6.94 6.54 27.17
N GLU A 50 7.15 6.63 28.46
CA GLU A 50 8.12 7.58 28.98
C GLU A 50 9.51 7.01 28.86
N GLY A 51 10.45 7.85 28.42
CA GLY A 51 11.79 7.37 28.18
C GLY A 51 11.92 6.48 26.97
N PHE A 52 10.96 6.53 26.05
CA PHE A 52 11.07 5.80 24.81
C PHE A 52 12.45 5.99 24.17
N ILE A 53 12.93 7.23 24.15
CA ILE A 53 14.27 7.60 23.70
C ILE A 53 14.99 8.24 24.87
N SER A 54 16.27 7.92 25.05
CA SER A 54 16.96 8.50 26.18
C SER A 54 17.10 10.03 26.01
N PRO A 55 17.25 10.77 27.11
CA PRO A 55 17.41 12.21 26.98
C PRO A 55 18.65 12.60 26.24
N GLU A 56 19.66 11.74 26.26
CA GLU A 56 20.88 12.02 25.52
C GLU A 56 20.73 11.62 24.07
N GLN A 57 19.93 10.60 23.77
CA GLN A 57 19.63 10.31 22.36
C GLN A 57 18.76 11.41 21.76
N VAL A 58 17.70 11.83 22.47
CA VAL A 58 16.81 12.88 21.96
C VAL A 58 17.62 14.11 21.62
N ALA A 59 18.51 14.52 22.55
CA ALA A 59 19.23 15.77 22.43
C ALA A 59 20.24 15.74 21.29
N ARG A 60 20.89 14.60 21.08
CA ARG A 60 21.76 14.46 19.91
C ARG A 60 20.95 14.50 18.62
N PHE A 61 19.82 13.82 18.57
CA PHE A 61 18.98 13.85 17.38
C PHE A 61 18.57 15.29 17.05
N SER A 62 18.06 16.01 18.06
CA SER A 62 17.59 17.38 17.87
C SER A 62 18.71 18.27 17.34
N GLN A 63 19.92 18.06 17.84
CA GLN A 63 21.06 18.83 17.34
C GLN A 63 21.40 18.42 15.92
N GLU A 64 21.32 17.13 15.63
CA GLU A 64 21.77 16.61 14.33
C GLU A 64 20.85 17.05 13.19
N VAL A 65 19.56 17.27 13.47
CA VAL A 65 18.61 17.72 12.44
C VAL A 65 18.42 19.23 12.47
N ASP A 66 18.80 19.89 13.57
CA ASP A 66 18.59 21.33 13.73
C ASP A 66 19.09 22.18 12.56
N PRO A 67 20.24 21.90 11.93
CA PRO A 67 20.59 22.70 10.75
C PRO A 67 19.53 22.63 9.68
N ALA A 68 19.00 21.42 9.41
CA ALA A 68 17.97 21.28 8.40
C ALA A 68 16.70 22.01 8.82
N MET A 69 16.37 21.98 10.12
CA MET A 69 15.21 22.72 10.59
C MET A 69 15.39 24.24 10.45
N GLU A 70 16.64 24.73 10.51
CA GLU A 70 16.83 26.18 10.42
C GLU A 70 16.67 26.68 9.00
N LYS A 71 16.92 25.82 8.01
CA LYS A 71 16.76 26.22 6.62
C LYS A 71 15.33 26.08 6.12
N ILE A 72 14.42 25.57 6.95
CA ILE A 72 13.02 25.44 6.59
C ILE A 72 12.30 26.74 6.97
N PRO A 73 11.78 27.49 6.02
CA PRO A 73 11.04 28.70 6.38
C PRO A 73 9.71 28.37 7.05
N VAL A 74 9.21 29.32 7.83
CA VAL A 74 7.89 29.23 8.43
C VAL A 74 6.91 29.81 7.44
N GLU A 75 6.00 28.97 6.94
CA GLU A 75 4.94 29.46 6.07
C GLU A 75 3.83 30.06 6.93
N VAL A 76 3.64 31.38 6.82
CA VAL A 76 2.51 32.07 7.41
C VAL A 76 1.54 32.42 6.28
N THR A 77 0.27 32.11 6.49
CA THR A 77 -0.75 32.34 5.47
C THR A 77 -1.90 33.12 6.10
N ASN A 78 -2.87 33.51 5.26
CA ASN A 78 -4.03 34.31 5.66
C ASN A 78 -5.25 33.44 6.00
N ASN A 79 -5.06 32.46 6.88
CA ASN A 79 -6.07 31.43 7.09
C ASN A 79 -5.90 30.67 8.41
N SER A 82 -5.26 26.82 8.26
CA SER A 82 -4.85 25.85 7.25
C SER A 82 -3.56 25.09 7.58
N ASN A 83 -3.25 24.98 8.89
CA ASN A 83 -2.15 24.15 9.42
C ASN A 83 -0.77 24.65 8.96
N ASP A 84 -0.60 25.96 9.03
CA ASP A 84 0.66 26.63 8.75
C ASP A 84 1.49 26.70 10.03
N ARG A 85 2.62 27.41 9.96
CA ARG A 85 3.46 27.64 11.13
CA ARG A 85 3.47 27.64 11.12
C ARG A 85 3.87 26.32 11.79
N THR A 86 4.14 25.31 10.95
CA THR A 86 4.56 23.97 11.37
C THR A 86 5.64 23.52 10.40
N LYS A 87 6.88 23.35 10.89
CA LYS A 87 7.95 22.85 10.04
C LYS A 87 7.93 21.33 10.02
N ARG A 88 8.14 20.75 8.83
CA ARG A 88 8.05 19.32 8.61
C ARG A 88 9.27 18.86 7.82
N PHE A 89 10.02 17.91 8.38
CA PHE A 89 11.27 17.43 7.80
C PHE A 89 11.29 15.91 7.88
N SER A 90 11.55 15.24 6.76
CA SER A 90 11.51 13.79 6.70
C SER A 90 12.84 13.12 6.37
N LYS A 91 13.93 13.87 6.23
CA LYS A 91 15.19 13.25 5.83
C LYS A 91 16.04 12.90 7.05
N CYS A 92 15.39 12.26 8.02
CA CYS A 92 16.03 11.98 9.31
C CYS A 92 17.16 10.98 9.19
N VAL A 93 16.99 9.93 8.38
CA VAL A 93 18.05 8.94 8.24
C VAL A 93 19.30 9.58 7.69
N ILE A 94 19.14 10.42 6.67
CA ILE A 94 20.29 11.12 6.08
C ILE A 94 20.94 12.05 7.09
N ALA A 95 20.13 12.82 7.82
CA ALA A 95 20.68 13.92 8.60
C ALA A 95 21.20 13.49 9.97
N SER A 96 20.78 12.36 10.49
CA SER A 96 20.99 12.03 11.91
C SER A 96 21.59 10.65 12.09
N PRO A 97 22.86 10.55 12.51
CA PRO A 97 23.39 9.22 12.87
C PRO A 97 22.67 8.58 14.04
N THR A 98 22.36 9.35 15.08
CA THR A 98 21.59 8.84 16.21
C THR A 98 20.27 8.21 15.77
N PHE A 99 19.57 8.85 14.82
CA PHE A 99 18.29 8.31 14.37
C PHE A 99 18.46 6.96 13.70
N ARG A 100 19.38 6.86 12.74
CA ARG A 100 19.47 5.62 11.98
C ARG A 100 20.20 4.53 12.74
N ASN A 101 21.17 4.88 13.59
CA ASN A 101 21.91 3.85 14.28
C ASN A 101 21.24 3.39 15.57
N GLU A 102 20.39 4.24 16.16
CA GLU A 102 19.87 3.94 17.49
C GLU A 102 18.34 4.04 17.56
N ILE A 103 17.78 5.18 17.13
CA ILE A 103 16.36 5.43 17.39
C ILE A 103 15.50 4.37 16.72
N ILE A 104 15.78 4.10 15.44
CA ILE A 104 15.00 3.12 14.69
C ILE A 104 15.35 1.68 15.06
N GLU A 105 16.31 1.47 15.96
CA GLU A 105 16.62 0.14 16.47
C GLU A 105 16.00 -0.13 17.84
N SER A 106 15.02 0.67 18.23
CA SER A 106 14.30 0.39 19.46
C SER A 106 13.67 -0.98 19.39
N ASP A 107 14.08 -1.87 20.29
CA ASP A 107 13.43 -3.19 20.34
C ASP A 107 11.99 -3.08 20.80
N LEU A 108 11.70 -2.11 21.67
CA LEU A 108 10.33 -1.93 22.15
C LEU A 108 9.41 -1.49 21.02
N MET A 109 9.92 -0.64 20.11
CA MET A 109 9.14 -0.25 18.95
C MET A 109 8.77 -1.46 18.09
N HIS A 110 9.74 -2.35 17.86
CA HIS A 110 9.49 -3.50 16.99
C HIS A 110 8.65 -4.56 17.68
N GLU A 111 8.89 -4.81 18.97
CA GLU A 111 8.00 -5.69 19.73
CA GLU A 111 8.00 -5.69 19.73
C GLU A 111 6.55 -5.27 19.55
N LEU A 112 6.26 -3.99 19.73
CA LEU A 112 4.90 -3.48 19.63
C LEU A 112 4.37 -3.52 18.20
N CYS A 113 5.21 -3.20 17.21
CA CYS A 113 4.80 -3.28 15.81
C CYS A 113 4.42 -4.71 15.40
N ASP A 114 5.14 -5.70 15.93
CA ASP A 114 4.82 -7.09 15.61
C ASP A 114 3.45 -7.45 16.19
N ARG A 115 3.23 -7.06 17.46
CA ARG A 115 1.95 -7.28 18.13
C ARG A 115 0.77 -6.63 17.40
N VAL A 116 1.01 -5.52 16.70
CA VAL A 116 -0.06 -4.90 15.90
C VAL A 116 -0.17 -5.57 14.53
N PHE A 117 0.97 -5.72 13.83
CA PHE A 117 1.00 -5.92 12.39
C PHE A 117 1.42 -7.31 11.94
N SER A 118 2.26 -8.02 12.68
CA SER A 118 2.91 -9.21 12.15
C SER A 118 2.04 -10.47 12.30
N LYS A 119 1.85 -11.13 11.25
CA LYS A 119 1.05 -12.34 11.10
C LYS A 119 1.93 -13.59 11.30
N PRO A 120 1.32 -14.71 11.71
CA PRO A 120 2.13 -15.89 12.03
C PRO A 120 2.71 -16.51 10.75
N GLY A 121 4.03 -16.68 10.75
CA GLY A 121 4.71 -17.27 9.61
C GLY A 121 4.92 -16.37 8.42
N GLU A 122 4.89 -15.05 8.60
CA GLU A 122 5.06 -14.13 7.49
C GLU A 122 6.12 -13.07 7.75
N GLY A 123 6.86 -13.18 8.85
CA GLY A 123 7.88 -12.17 9.09
C GLY A 123 7.25 -10.81 9.37
N MET A 124 7.98 -9.75 9.03
CA MET A 124 7.58 -8.40 9.42
C MET A 124 6.32 -7.98 8.67
N GLY A 125 5.30 -7.59 9.42
CA GLY A 125 4.07 -7.16 8.80
C GLY A 125 4.00 -5.68 8.51
N TYR A 126 5.08 -4.95 8.67
CA TYR A 126 5.00 -3.50 8.74
C TYR A 126 6.26 -2.88 8.14
N HIS A 127 6.17 -1.59 7.82
CA HIS A 127 7.34 -0.81 7.41
C HIS A 127 7.04 0.67 7.65
N PHE A 128 8.00 1.51 7.31
CA PHE A 128 7.87 2.94 7.55
C PHE A 128 6.97 3.60 6.53
N ASN A 129 5.97 4.34 7.03
CA ASN A 129 5.27 5.33 6.20
C ASN A 129 6.11 6.60 6.08
N ASP A 130 6.64 7.08 7.19
CA ASP A 130 7.32 8.38 7.22
C ASP A 130 8.23 8.43 8.44
N ASN A 131 9.20 9.35 8.41
CA ASN A 131 10.00 9.72 9.58
C ASN A 131 10.03 11.24 9.65
N MET A 132 9.11 11.87 10.38
CA MET A 132 8.94 13.31 10.21
C MET A 132 9.19 14.08 11.50
N VAL A 133 10.15 15.00 11.45
CA VAL A 133 10.24 16.05 12.46
C VAL A 133 9.15 17.06 12.20
N ILE A 134 8.35 17.35 13.23
CA ILE A 134 7.20 18.24 13.14
C ILE A 134 7.35 19.30 14.23
N GLU A 135 7.71 20.52 13.83
CA GLU A 135 7.98 21.60 14.77
C GLU A 135 6.87 22.66 14.70
N VAL A 136 5.96 22.61 15.68
CA VAL A 136 4.85 23.55 15.74
C VAL A 136 5.38 24.89 16.25
N GLN A 137 5.38 25.92 15.38
CA GLN A 137 5.91 27.25 15.71
C GLN A 137 5.00 28.00 16.70
N PRO A 138 5.55 29.00 17.40
CA PRO A 138 4.71 29.82 18.29
C PRO A 138 3.53 30.44 17.56
N GLY A 139 2.36 30.34 18.17
CA GLY A 139 1.15 30.88 17.60
C GLY A 139 0.49 30.05 16.51
N ALA A 140 1.05 28.90 16.13
CA ALA A 140 0.45 28.07 15.08
C ALA A 140 -0.98 27.70 15.46
N PRO A 141 -1.90 27.73 14.51
CA PRO A 141 -3.28 27.33 14.81
C PRO A 141 -3.37 25.82 15.04
N ALA A 142 -4.33 25.44 15.89
CA ALA A 142 -4.59 24.02 16.14
C ALA A 142 -4.99 23.30 14.86
N GLN A 143 -4.66 22.02 14.82
CA GLN A 143 -4.90 21.17 13.66
C GLN A 143 -6.30 20.61 13.70
N ARG A 144 -6.90 20.43 12.52
CA ARG A 144 -8.19 19.76 12.44
C ARG A 144 -8.12 18.39 13.13
N LEU A 145 -9.18 18.04 13.85
CA LEU A 145 -9.28 16.70 14.43
C LEU A 145 -9.39 15.66 13.32
N HIS A 146 -8.67 14.55 13.49
CA HIS A 146 -8.61 13.54 12.43
C HIS A 146 -8.09 12.22 12.97
N ARG A 147 -8.31 11.17 12.18
CA ARG A 147 -7.63 9.89 12.35
C ARG A 147 -6.53 9.79 11.31
N ASP A 148 -5.40 9.18 11.67
CA ASP A 148 -4.30 9.07 10.71
C ASP A 148 -4.61 8.09 9.59
N GLN A 149 -5.47 7.11 9.82
CA GLN A 149 -5.82 6.18 8.75
C GLN A 149 -6.70 6.83 7.69
N GLU A 150 -7.16 8.07 7.92
CA GLU A 150 -7.83 8.81 6.85
C GLU A 150 -6.93 8.98 5.63
N LEU A 151 -5.61 8.88 5.82
CA LEU A 151 -4.69 8.86 4.70
C LEU A 151 -5.00 7.71 3.72
N TYR A 152 -5.56 6.61 4.22
CA TYR A 152 -5.95 5.51 3.33
C TYR A 152 -7.47 5.52 3.29
N PRO A 153 -8.05 6.27 2.34
CA PRO A 153 -9.39 6.85 2.52
C PRO A 153 -10.50 5.85 2.77
N TRP A 154 -10.37 4.61 2.29
CA TRP A 154 -11.39 3.60 2.51
C TRP A 154 -11.38 3.01 3.92
N TRP A 155 -10.37 3.29 4.73
CA TRP A 155 -10.20 2.49 5.94
C TRP A 155 -11.33 2.73 6.95
N ASN A 156 -11.78 3.98 7.09
CA ASN A 156 -12.83 4.30 8.08
C ASN A 156 -14.08 3.46 7.87
N SER A 157 -14.36 3.09 6.62
CA SER A 157 -15.59 2.35 6.33
C SER A 157 -15.58 0.94 6.90
N MET A 158 -14.44 0.36 7.22
CA MET A 158 -14.46 -0.93 7.92
C MET A 158 -14.77 -0.78 9.39
N GLY A 159 -14.82 0.45 9.91
CA GLY A 159 -15.13 0.71 11.28
C GLY A 159 -14.10 0.11 12.22
N PRO A 160 -14.46 0.02 13.51
CA PRO A 160 -13.54 -0.54 14.50
C PRO A 160 -13.34 -2.04 14.39
N ALA A 161 -14.18 -2.74 13.63
CA ALA A 161 -13.91 -4.13 13.33
C ALA A 161 -12.71 -4.28 12.41
N GLY A 162 -12.39 -3.25 11.63
CA GLY A 162 -11.31 -3.30 10.68
C GLY A 162 -9.94 -3.51 11.32
N PRO A 163 -8.98 -3.96 10.52
CA PRO A 163 -7.60 -4.07 11.01
C PRO A 163 -6.95 -2.69 11.09
N GLU A 164 -5.75 -2.66 11.67
CA GLU A 164 -4.95 -1.43 11.72
C GLU A 164 -4.32 -1.11 10.35
N CYS A 165 -4.44 0.17 9.89
CA CYS A 165 -3.70 0.70 8.74
C CYS A 165 -2.32 1.18 9.18
N VAL A 166 -2.30 2.01 10.23
CA VAL A 166 -1.13 2.82 10.53
C VAL A 166 -1.07 3.04 12.04
N ILE A 167 0.14 3.08 12.58
CA ILE A 167 0.40 3.52 13.94
C ILE A 167 1.58 4.50 13.90
N ASN A 168 1.65 5.34 14.94
CA ASN A 168 2.71 6.34 15.03
C ASN A 168 3.30 6.28 16.42
N PHE A 169 4.63 6.30 16.51
CA PHE A 169 5.34 6.57 17.75
C PHE A 169 5.67 8.05 17.70
N PHE A 170 4.91 8.86 18.42
CA PHE A 170 5.00 10.31 18.31
C PHE A 170 5.83 10.80 19.49
N CYS A 171 7.07 11.20 19.22
CA CYS A 171 8.04 11.43 20.28
C CYS A 171 8.22 12.91 20.57
N ALA A 172 8.23 13.27 21.86
CA ALA A 172 8.61 14.62 22.26
C ALA A 172 10.12 14.79 22.07
N VAL A 173 10.50 15.66 21.15
CA VAL A 173 11.90 16.07 21.03
C VAL A 173 12.22 17.24 21.97
N THR A 174 11.27 18.14 22.17
CA THR A 174 11.26 19.19 23.18
C THR A 174 9.97 19.04 23.95
N PRO A 175 9.86 19.61 25.16
CA PRO A 175 8.68 19.33 26.00
C PRO A 175 7.37 19.60 25.29
N PHE A 176 6.40 18.73 25.58
CA PHE A 176 5.02 18.91 25.19
C PHE A 176 4.28 19.48 26.39
N THR A 177 3.67 20.65 26.21
CA THR A 177 2.84 21.26 27.25
C THR A 177 1.48 21.60 26.66
N GLU A 178 0.52 21.82 27.54
CA GLU A 178 -0.80 22.20 27.04
C GLU A 178 -0.74 23.53 26.28
N GLU A 179 0.19 24.41 26.66
CA GLU A 179 0.25 25.75 26.08
C GLU A 179 0.93 25.78 24.73
N ASN A 180 1.95 24.93 24.52
CA ASN A 180 2.77 24.98 23.31
C ASN A 180 2.25 24.10 22.17
N GLY A 181 1.13 23.41 22.36
CA GLY A 181 0.53 22.65 21.28
C GLY A 181 0.71 21.15 21.30
N ALA A 182 0.93 20.55 22.48
CA ALA A 182 0.88 19.09 22.60
C ALA A 182 -0.37 18.56 21.91
N THR A 183 -0.25 17.38 21.28
CA THR A 183 -1.38 16.81 20.55
C THR A 183 -2.60 16.62 21.45
N ARG A 184 -3.77 16.94 20.92
CA ARG A 184 -5.02 16.62 21.58
C ARG A 184 -5.48 15.25 21.09
N LEU A 185 -5.68 14.31 22.01
CA LEU A 185 -6.07 12.95 21.67
C LEU A 185 -7.44 12.64 22.23
N VAL A 186 -8.11 11.67 21.60
CA VAL A 186 -9.42 11.21 22.07
C VAL A 186 -9.32 9.72 22.34
N PRO A 187 -8.96 9.32 23.57
CA PRO A 187 -8.90 7.88 23.89
C PRO A 187 -10.24 7.20 23.69
N GLY A 188 -10.17 5.96 23.22
CA GLY A 188 -11.37 5.21 22.97
C GLY A 188 -12.13 5.58 21.71
N SER A 189 -11.66 6.55 20.93
CA SER A 189 -12.33 6.86 19.67
C SER A 189 -12.05 5.81 18.58
N HIS A 190 -11.08 4.92 18.82
CA HIS A 190 -10.85 3.76 17.99
C HIS A 190 -11.93 2.69 18.17
N LEU A 191 -12.90 2.94 19.07
CA LEU A 191 -13.97 1.98 19.38
C LEU A 191 -15.37 2.50 19.07
N TRP A 192 -15.49 3.73 18.55
CA TRP A 192 -16.79 4.25 18.16
C TRP A 192 -17.35 3.36 17.06
N PRO A 193 -18.66 3.20 17.00
CA PRO A 193 -19.23 2.24 16.06
C PRO A 193 -19.15 2.67 14.61
N GLU A 194 -18.98 3.97 14.34
CA GLU A 194 -18.89 4.50 12.98
C GLU A 194 -17.72 5.47 12.92
N PHE A 195 -16.86 5.29 11.92
CA PHE A 195 -15.72 6.16 11.68
C PHE A 195 -16.08 7.07 10.51
N THR A 196 -16.37 8.32 10.81
CA THR A 196 -16.56 9.34 9.79
C THR A 196 -15.43 10.35 9.88
N GLN A 197 -15.33 11.17 8.85
CA GLN A 197 -14.56 12.39 9.01
C GLN A 197 -15.18 13.27 10.09
N ILE A 198 -14.35 14.09 10.72
CA ILE A 198 -14.78 14.92 11.83
C ILE A 198 -15.12 16.28 11.24
N ASN A 199 -16.35 16.42 10.77
CA ASN A 199 -16.88 17.70 10.31
C ASN A 199 -18.36 17.77 10.68
N GLU A 200 -18.97 18.93 10.42
CA GLU A 200 -20.38 19.12 10.78
C GLU A 200 -21.28 18.25 9.93
N ARG A 201 -20.94 18.10 8.64
CA ARG A 201 -21.71 17.24 7.76
C ARG A 201 -21.78 15.81 8.29
N ASP A 202 -20.63 15.18 8.51
CA ASP A 202 -20.61 13.75 8.77
C ASP A 202 -20.47 13.38 10.24
N CYS A 203 -19.92 14.27 11.09
CA CYS A 203 -19.67 13.86 12.46
C CYS A 203 -20.74 14.41 13.39
N PRO A 204 -21.57 13.57 13.99
CA PRO A 204 -22.65 14.09 14.85
C PRO A 204 -22.13 14.64 16.17
N GLN A 205 -21.00 14.15 16.68
CA GLN A 205 -20.39 14.68 17.89
C GLN A 205 -19.64 15.98 17.63
N PHE A 206 -19.70 16.51 16.41
CA PHE A 206 -18.87 17.64 16.04
C PHE A 206 -19.04 18.77 17.05
N GLY A 207 -17.92 19.41 17.40
CA GLY A 207 -17.89 20.43 18.41
C GLY A 207 -18.17 19.97 19.82
N LYS A 208 -18.47 18.68 20.01
CA LYS A 208 -18.75 18.13 21.34
C LYS A 208 -17.73 17.07 21.75
N ILE A 209 -16.58 17.02 21.08
CA ILE A 209 -15.61 15.95 21.29
C ILE A 209 -14.60 16.40 22.33
N GLU A 210 -14.45 15.63 23.40
CA GLU A 210 -13.51 16.00 24.44
C GLU A 210 -12.16 15.34 24.19
N THR A 211 -11.12 16.16 24.10
CA THR A 211 -9.74 15.75 23.86
C THR A 211 -8.90 15.89 25.14
N VAL A 212 -7.64 15.46 25.04
CA VAL A 212 -6.72 15.37 26.17
C VAL A 212 -5.31 15.61 25.63
N PRO A 213 -4.50 16.48 26.25
CA PRO A 213 -3.16 16.71 25.73
C PRO A 213 -2.20 15.60 26.11
N ALA A 214 -1.20 15.42 25.25
CA ALA A 214 -0.11 14.48 25.49
C ALA A 214 1.06 15.26 26.06
N ILE A 215 1.02 15.44 27.38
CA ILE A 215 2.09 16.12 28.11
C ILE A 215 3.26 15.15 28.23
N MET A 216 4.40 15.55 27.67
CA MET A 216 5.55 14.66 27.59
C MET A 216 6.82 15.47 27.74
N GLN A 217 7.85 14.85 28.32
CA GLN A 217 9.21 15.37 28.37
C GLN A 217 10.01 14.82 27.19
N PRO A 218 11.15 15.43 26.86
CA PRO A 218 11.94 14.97 25.71
C PRO A 218 12.30 13.49 25.81
N GLY A 219 12.10 12.77 24.69
CA GLY A 219 12.32 11.34 24.65
C GLY A 219 11.12 10.50 25.02
N ASP A 220 10.13 11.06 25.73
CA ASP A 220 8.85 10.41 25.85
C ASP A 220 8.24 10.24 24.46
N CYS A 221 7.30 9.30 24.34
CA CYS A 221 6.49 9.24 23.15
C CYS A 221 5.13 8.71 23.56
N TYR A 222 4.14 8.96 22.72
CA TYR A 222 2.91 8.20 22.78
C TYR A 222 2.80 7.37 21.51
N LEU A 223 2.36 6.13 21.67
CA LEU A 223 2.00 5.28 20.56
C LEU A 223 0.49 5.39 20.33
N MET A 224 0.10 5.66 19.08
CA MET A 224 -1.30 5.96 18.80
C MET A 224 -1.76 5.19 17.57
N SER A 225 -2.91 4.54 17.70
CA SER A 225 -3.53 3.83 16.58
C SER A 225 -3.97 4.82 15.50
N GLY A 226 -4.01 4.33 14.26
CA GLY A 226 -4.56 5.16 13.22
C GLY A 226 -6.06 5.38 13.36
N LYS A 227 -6.71 4.63 14.23
CA LYS A 227 -8.15 4.78 14.48
C LYS A 227 -8.50 5.85 15.51
N VAL A 228 -7.52 6.49 16.14
CA VAL A 228 -7.76 7.44 17.22
C VAL A 228 -7.89 8.85 16.67
N ILE A 229 -8.93 9.56 17.10
CA ILE A 229 -9.12 10.97 16.72
C ILE A 229 -8.15 11.82 17.50
N HIS A 230 -7.55 12.79 16.81
CA HIS A 230 -6.53 13.62 17.43
C HIS A 230 -6.24 14.79 16.50
N GLY A 231 -5.56 15.80 17.07
CA GLY A 231 -5.04 16.90 16.29
C GLY A 231 -4.02 17.66 17.09
N ALA A 232 -3.04 18.23 16.40
CA ALA A 232 -2.08 19.11 17.06
C ALA A 232 -2.80 20.26 17.75
N GLY A 233 -2.32 20.64 18.91
CA GLY A 233 -2.91 21.75 19.60
C GLY A 233 -2.45 23.11 19.10
N HIS A 234 -3.13 24.15 19.60
CA HIS A 234 -2.71 25.51 19.34
C HIS A 234 -1.46 25.84 20.15
N ASN A 235 -0.45 26.40 19.49
CA ASN A 235 0.77 26.82 20.21
C ASN A 235 0.57 28.26 20.67
N ALA A 236 0.01 28.43 21.86
CA ALA A 236 -0.30 29.75 22.39
C ALA A 236 0.91 30.47 22.98
N THR A 237 2.11 29.92 22.87
CA THR A 237 3.28 30.59 23.43
C THR A 237 3.87 31.56 22.43
N THR A 238 4.77 32.41 22.93
CA THR A 238 5.43 33.40 22.08
C THR A 238 6.80 32.94 21.62
N THR A 239 7.41 31.99 22.33
CA THR A 239 8.81 31.59 22.14
C THR A 239 9.00 30.13 21.76
N ASP A 240 8.08 29.25 22.15
CA ASP A 240 8.32 27.81 22.16
C ASP A 240 8.08 27.21 20.78
N ARG A 241 9.14 26.71 20.14
CA ARG A 241 9.03 25.90 18.94
C ARG A 241 8.96 24.43 19.38
N ARG A 242 7.75 23.83 19.27
CA ARG A 242 7.46 22.51 19.86
C ARG A 242 7.79 21.41 18.87
N ARG A 243 8.90 20.72 19.11
CA ARG A 243 9.49 19.80 18.17
C ARG A 243 9.07 18.37 18.50
N ALA A 244 8.69 17.62 17.46
CA ALA A 244 8.27 16.24 17.60
C ALA A 244 9.01 15.38 16.57
N LEU A 245 8.99 14.07 16.80
CA LEU A 245 9.49 13.08 15.85
C LEU A 245 8.39 12.04 15.68
N ALA A 246 7.78 12.02 14.49
CA ALA A 246 6.71 11.09 14.18
C ALA A 246 7.32 9.90 13.47
N LEU A 247 7.23 8.72 14.09
CA LEU A 247 7.62 7.47 13.43
C LEU A 247 6.31 6.76 13.06
N ALA A 248 5.85 7.00 11.83
CA ALA A 248 4.60 6.44 11.33
C ALA A 248 4.86 5.12 10.62
N ILE A 249 4.12 4.09 11.02
CA ILE A 249 4.39 2.73 10.59
C ILE A 249 3.10 2.12 10.09
N ILE A 250 3.15 1.56 8.87
CA ILE A 250 2.02 1.02 8.12
C ILE A 250 2.23 -0.47 7.85
N ARG A 251 1.13 -1.16 7.54
CA ARG A 251 1.31 -2.55 7.13
C ARG A 251 1.97 -2.63 5.76
N ARG A 252 2.54 -3.80 5.50
CA ARG A 252 3.43 -3.99 4.35
C ARG A 252 2.71 -3.81 3.03
N GLU A 253 1.39 -3.97 2.99
CA GLU A 253 0.68 -3.85 1.72
C GLU A 253 0.35 -2.40 1.36
N LEU A 254 0.63 -1.44 2.24
CA LEU A 254 0.31 -0.04 1.98
C LEU A 254 1.53 0.72 1.49
N ARG A 255 1.29 1.71 0.65
CA ARG A 255 2.32 2.57 0.06
C ARG A 255 2.83 3.60 1.08
N PRO A 256 4.14 3.82 1.15
CA PRO A 256 4.66 4.86 2.04
C PRO A 256 4.50 6.25 1.44
N MET A 257 4.41 7.24 2.35
CA MET A 257 4.46 8.65 1.98
C MET A 257 5.81 9.05 1.41
N GLN A 258 6.87 8.41 1.86
CA GLN A 258 8.22 8.75 1.44
C GLN A 258 8.79 7.60 0.63
N ALA A 259 9.42 7.92 -0.50
CA ALA A 259 10.21 6.96 -1.30
C ALA A 259 11.61 6.82 -0.72
N PHE A 260 11.68 6.23 0.48
CA PHE A 260 12.96 6.15 1.20
C PHE A 260 13.99 5.37 0.42
N SER A 261 13.59 4.28 -0.22
CA SER A 261 14.56 3.47 -0.95
C SER A 261 15.13 4.19 -2.16
N LEU A 262 14.58 5.35 -2.54
CA LEU A 262 15.05 6.10 -3.68
C LEU A 262 15.78 7.39 -3.32
N SER A 263 15.67 7.88 -2.09
CA SER A 263 16.47 9.03 -1.65
C SER A 263 17.55 8.67 -0.64
N VAL A 264 17.29 7.72 0.25
CA VAL A 264 18.33 7.30 1.17
C VAL A 264 19.46 6.65 0.38
N PRO A 265 20.71 7.07 0.57
CA PRO A 265 21.83 6.49 -0.20
C PRO A 265 22.13 5.06 0.21
N MET A 266 22.65 4.28 -0.76
CA MET A 266 22.91 2.86 -0.51
C MET A 266 24.02 2.69 0.52
N LYS A 267 25.00 3.61 0.51
CA LYS A 267 26.00 3.65 1.57
C LYS A 267 25.36 3.58 2.95
N LEU A 268 24.27 4.34 3.15
CA LEU A 268 23.53 4.27 4.42
C LEU A 268 22.74 2.98 4.54
N ALA A 269 22.27 2.42 3.42
CA ALA A 269 21.47 1.20 3.47
C ALA A 269 22.31 -0.01 3.84
N ARG A 270 23.53 -0.10 3.31
CA ARG A 270 24.41 -1.22 3.67
C ARG A 270 24.79 -1.20 5.15
N GLU A 271 24.67 -0.05 5.82
CA GLU A 271 24.95 0.00 7.24
C GLU A 271 23.76 -0.37 8.10
N MET A 272 22.57 -0.54 7.49
CA MET A 272 21.36 -0.83 8.25
C MET A 272 21.26 -2.30 8.58
N SER A 273 20.73 -2.59 9.76
CA SER A 273 20.35 -3.95 10.08
C SER A 273 19.28 -4.41 9.10
N GLU A 274 19.08 -5.73 9.05
CA GLU A 274 18.16 -6.28 8.07
C GLU A 274 16.72 -5.84 8.35
N ARG A 275 16.36 -5.70 9.62
CA ARG A 275 15.02 -5.20 9.92
C ARG A 275 14.88 -3.73 9.54
N SER A 276 15.95 -2.93 9.68
CA SER A 276 15.89 -1.55 9.20
C SER A 276 15.79 -1.49 7.68
N GLN A 277 16.53 -2.34 6.97
CA GLN A 277 16.43 -2.34 5.51
C GLN A 277 15.02 -2.68 5.08
N THR A 278 14.36 -3.62 5.76
CA THR A 278 12.98 -3.94 5.46
C THR A 278 12.06 -2.73 5.69
N MET A 279 12.28 -2.00 6.80
CA MET A 279 11.48 -0.82 7.11
C MET A 279 11.50 0.20 5.98
N PHE A 280 12.65 0.36 5.32
CA PHE A 280 12.81 1.38 4.29
C PHE A 280 12.70 0.83 2.89
N GLY A 281 12.38 -0.45 2.74
CA GLY A 281 12.20 -1.00 1.42
C GLY A 281 13.48 -1.28 0.66
N PHE A 282 14.61 -1.45 1.35
CA PHE A 282 15.80 -2.00 0.74
C PHE A 282 15.78 -3.53 0.71
N ARG A 283 14.77 -4.13 1.33
CA ARG A 283 14.64 -5.57 1.45
C ARG A 283 13.16 -5.89 1.48
N SER A 284 12.80 -7.07 0.98
CA SER A 284 11.41 -7.53 0.91
C SER A 284 11.00 -8.28 2.19
N SER A 285 9.71 -8.58 2.27
CA SER A 285 9.15 -9.46 3.28
C SER A 285 8.17 -10.42 2.60
N VAL A 286 7.96 -11.57 3.23
CA VAL A 286 7.23 -12.69 2.62
C VAL A 286 5.78 -12.66 3.06
N GLN A 287 4.87 -12.75 2.10
CA GLN A 287 3.44 -12.81 2.36
C GLN A 287 2.88 -14.16 1.96
N HIS A 288 2.01 -14.72 2.80
CA HIS A 288 1.30 -15.96 2.50
C HIS A 288 -0.18 -15.66 2.31
N CYS A 289 -0.73 -16.13 1.19
CA CYS A 289 -2.17 -16.06 0.95
C CYS A 289 -2.80 -17.46 0.94
N VAL A 291 -2.23 -20.72 0.74
CA VAL A 291 -1.43 -21.85 0.23
C VAL A 291 -0.20 -21.35 -0.54
N ASP A 292 -0.21 -20.08 -0.94
CA ASP A 292 0.84 -19.48 -1.75
C ASP A 292 1.69 -18.51 -0.93
N MET A 293 2.99 -18.47 -1.28
CA MET A 293 3.95 -17.52 -0.73
C MET A 293 4.35 -16.52 -1.81
N VAL A 294 4.40 -15.23 -1.45
CA VAL A 294 4.81 -14.19 -2.39
C VAL A 294 5.57 -13.09 -1.67
N HIS A 295 6.79 -12.81 -2.13
CA HIS A 295 7.51 -11.62 -1.68
C HIS A 295 6.72 -10.37 -2.02
N PHE A 296 6.51 -9.51 -1.03
CA PHE A 296 5.95 -8.19 -1.29
C PHE A 296 7.10 -7.20 -1.49
N TRP A 297 6.94 -6.30 -2.46
CA TRP A 297 8.00 -5.38 -2.84
C TRP A 297 9.27 -6.17 -3.17
N GLY A 298 9.12 -7.12 -4.09
CA GLY A 298 10.20 -8.02 -4.45
C GLY A 298 10.64 -7.88 -5.89
N ASN A 299 11.49 -8.81 -6.34
CA ASN A 299 12.14 -8.72 -7.66
C ASN A 299 12.07 -10.09 -8.34
N ASP A 300 10.98 -10.31 -9.08
CA ASP A 300 10.81 -11.47 -9.98
C ASP A 300 11.02 -12.80 -9.25
N GLY A 301 10.53 -12.88 -8.01
CA GLY A 301 10.62 -14.10 -7.22
C GLY A 301 11.66 -14.09 -6.12
N LYS A 302 12.53 -13.07 -6.06
CA LYS A 302 13.57 -13.00 -5.05
C LYS A 302 13.48 -11.70 -4.26
N ASP A 303 14.12 -11.70 -3.09
CA ASP A 303 14.24 -10.47 -2.34
C ASP A 303 14.91 -9.40 -3.20
N ILE A 304 14.41 -8.17 -3.12
CA ILE A 304 15.07 -7.05 -3.80
C ILE A 304 16.47 -6.81 -3.22
N ALA A 305 16.76 -7.31 -2.01
CA ALA A 305 18.07 -7.12 -1.40
C ALA A 305 19.19 -7.86 -2.13
N HIS A 306 18.85 -8.87 -2.95
CA HIS A 306 19.85 -9.50 -3.83
C HIS A 306 20.34 -8.51 -4.87
N HIS A 307 19.44 -8.05 -5.73
CA HIS A 307 19.82 -7.12 -6.79
C HIS A 307 20.52 -5.88 -6.24
N LEU A 308 20.19 -5.46 -5.02
CA LEU A 308 20.83 -4.28 -4.42
C LEU A 308 22.18 -4.60 -3.79
N GLY A 309 22.41 -5.85 -3.42
CA GLY A 309 23.72 -6.28 -2.95
C GLY A 309 23.84 -6.27 -1.44
N LEU A 310 22.79 -6.70 -0.75
CA LEU A 310 22.79 -6.65 0.70
C LEU A 310 22.81 -8.03 1.34
N ILE A 311 23.06 -9.07 0.54
CA ILE A 311 23.02 -10.50 0.93
C ILE A 311 21.58 -10.92 1.21
N GLY B 13 -31.66 -15.25 -29.77
CA GLY B 13 -31.10 -16.57 -30.05
C GLY B 13 -29.65 -16.75 -29.63
N LEU B 14 -29.34 -16.38 -28.39
CA LEU B 14 -27.99 -16.48 -27.84
C LEU B 14 -27.67 -17.88 -27.32
N VAL B 15 -28.59 -18.45 -26.55
CA VAL B 15 -28.53 -19.85 -26.14
C VAL B 15 -29.79 -20.46 -26.74
N PRO B 16 -29.86 -21.77 -27.00
CA PRO B 16 -31.14 -22.35 -27.44
C PRO B 16 -32.24 -22.00 -26.45
N ARG B 17 -33.42 -21.65 -26.98
CA ARG B 17 -34.53 -21.19 -26.14
C ARG B 17 -34.89 -22.22 -25.09
N GLY B 18 -35.00 -21.77 -23.84
CA GLY B 18 -35.30 -22.61 -22.70
C GLY B 18 -34.08 -23.04 -21.90
N SER B 19 -32.88 -22.82 -22.44
CA SER B 19 -31.65 -23.20 -21.78
C SER B 19 -31.41 -22.36 -20.53
N HIS B 20 -30.60 -22.90 -19.63
CA HIS B 20 -29.94 -22.08 -18.65
C HIS B 20 -28.97 -21.15 -19.35
N MET B 21 -29.09 -19.84 -19.11
CA MET B 21 -28.12 -18.94 -19.75
C MET B 21 -26.90 -18.75 -18.84
N PRO B 22 -25.69 -18.94 -19.34
CA PRO B 22 -24.50 -18.83 -18.47
C PRO B 22 -24.03 -17.40 -18.33
N PRO B 23 -23.27 -17.09 -17.27
CA PRO B 23 -22.93 -15.69 -16.95
C PRO B 23 -22.35 -14.91 -18.13
N ARG B 24 -22.78 -13.65 -18.26
CA ARG B 24 -22.52 -12.83 -19.44
C ARG B 24 -21.08 -12.32 -19.48
N LEU B 25 -20.46 -12.36 -20.67
CA LEU B 25 -19.10 -11.84 -20.89
C LEU B 25 -19.07 -11.01 -22.17
N GLN B 26 -19.35 -9.71 -22.08
CA GLN B 26 -19.36 -8.83 -23.25
C GLN B 26 -17.95 -8.72 -23.85
N ARG B 27 -17.88 -8.23 -25.09
CA ARG B 27 -16.63 -8.16 -25.84
C ARG B 27 -16.59 -6.88 -26.68
N PHE B 28 -15.45 -6.17 -26.65
CA PHE B 28 -15.23 -4.90 -27.35
C PHE B 28 -13.86 -4.93 -28.06
N PRO B 29 -13.51 -3.90 -28.86
CA PRO B 29 -12.17 -3.84 -29.46
C PRO B 29 -11.40 -2.55 -29.15
N ALA B 32 -12.77 1.58 -29.89
CA ALA B 32 -14.01 1.42 -29.10
C ALA B 32 -14.11 2.41 -27.92
N SER B 33 -15.29 3.00 -27.76
CA SER B 33 -15.52 4.05 -26.75
C SER B 33 -15.14 3.57 -25.35
N ALA B 34 -14.60 4.49 -24.55
CA ALA B 34 -14.04 4.13 -23.25
C ALA B 34 -15.12 4.01 -22.17
N ASP B 35 -15.98 5.03 -22.05
CA ASP B 35 -17.11 4.93 -21.14
C ASP B 35 -17.98 3.72 -21.48
N GLU B 36 -17.97 3.28 -22.74
CA GLU B 36 -18.71 2.09 -23.15
C GLU B 36 -18.15 0.84 -22.48
N ILE B 37 -16.86 0.56 -22.69
CA ILE B 37 -16.21 -0.60 -22.09
C ILE B 37 -16.24 -0.50 -20.57
N PHE B 38 -16.21 0.70 -20.02
CA PHE B 38 -16.30 0.84 -18.57
C PHE B 38 -17.66 0.39 -18.07
N ALA B 39 -18.74 0.78 -18.76
CA ALA B 39 -20.08 0.37 -18.30
C ALA B 39 -20.22 -1.14 -18.29
N ALA B 40 -19.61 -1.82 -19.27
CA ALA B 40 -19.57 -3.28 -19.24
C ALA B 40 -18.75 -3.79 -18.06
N PHE B 41 -17.64 -3.09 -17.75
CA PHE B 41 -16.84 -3.44 -16.57
C PHE B 41 -17.65 -3.28 -15.28
N GLN B 42 -18.34 -2.15 -15.12
CA GLN B 42 -19.15 -1.93 -13.92
C GLN B 42 -20.22 -3.01 -13.78
N GLU B 43 -21.01 -3.25 -14.83
CA GLU B 43 -22.17 -4.11 -14.68
C GLU B 43 -21.79 -5.58 -14.52
N ASP B 44 -20.67 -6.02 -15.11
CA ASP B 44 -20.35 -7.45 -15.10
C ASP B 44 -19.05 -7.80 -14.37
N GLY B 45 -18.15 -6.85 -14.14
CA GLY B 45 -16.91 -7.11 -13.43
C GLY B 45 -15.76 -7.57 -14.30
N CYS B 46 -16.04 -8.07 -15.50
CA CYS B 46 -15.07 -8.60 -16.45
C CYS B 46 -15.50 -8.12 -17.82
N VAL B 47 -14.53 -7.88 -18.71
CA VAL B 47 -14.80 -7.52 -20.10
C VAL B 47 -13.63 -8.01 -20.96
N VAL B 48 -13.92 -8.68 -22.09
CA VAL B 48 -12.89 -8.98 -23.08
C VAL B 48 -12.65 -7.75 -23.94
N ILE B 49 -11.39 -7.45 -24.20
CA ILE B 49 -10.98 -6.36 -25.08
C ILE B 49 -10.18 -6.99 -26.21
N GLU B 50 -10.88 -7.36 -27.30
CA GLU B 50 -10.27 -8.03 -28.44
C GLU B 50 -9.24 -7.12 -29.08
N GLY B 51 -8.00 -7.60 -29.14
CA GLY B 51 -6.88 -6.81 -29.61
C GLY B 51 -6.55 -5.62 -28.74
N PHE B 52 -6.11 -5.85 -27.49
CA PHE B 52 -5.57 -4.75 -26.70
C PHE B 52 -4.19 -4.37 -27.20
N ILE B 53 -3.41 -5.33 -27.69
CA ILE B 53 -2.11 -5.10 -28.29
C ILE B 53 -2.15 -5.57 -29.75
N SER B 54 -1.46 -4.83 -30.64
CA SER B 54 -1.37 -5.17 -32.06
C SER B 54 -0.71 -6.55 -32.25
N PRO B 55 -0.98 -7.21 -33.39
CA PRO B 55 -0.57 -8.63 -33.54
C PRO B 55 0.94 -8.83 -33.64
N GLU B 56 1.60 -7.99 -34.44
CA GLU B 56 3.05 -8.07 -34.51
C GLU B 56 3.68 -7.69 -33.18
N GLN B 57 3.02 -6.80 -32.43
CA GLN B 57 3.54 -6.39 -31.14
C GLN B 57 3.54 -7.55 -30.15
N VAL B 58 2.42 -8.27 -30.04
CA VAL B 58 2.34 -9.44 -29.18
C VAL B 58 3.41 -10.46 -29.54
N ALA B 59 3.66 -10.65 -30.84
CA ALA B 59 4.70 -11.59 -31.26
C ALA B 59 6.09 -11.00 -31.06
N ARG B 60 6.26 -9.72 -31.36
CA ARG B 60 7.53 -9.07 -31.07
C ARG B 60 7.84 -9.18 -29.59
N PHE B 61 6.82 -9.04 -28.74
CA PHE B 61 7.01 -9.17 -27.29
C PHE B 61 7.27 -10.62 -26.89
N SER B 62 6.50 -11.56 -27.46
CA SER B 62 6.55 -12.96 -27.01
C SER B 62 7.93 -13.55 -27.27
N GLN B 63 8.44 -13.39 -28.48
CA GLN B 63 9.78 -13.89 -28.75
C GLN B 63 10.80 -13.12 -27.91
N GLU B 64 10.55 -11.82 -27.69
CA GLU B 64 11.50 -10.99 -26.93
C GLU B 64 11.76 -11.56 -25.55
N VAL B 65 10.73 -12.12 -24.91
CA VAL B 65 10.87 -12.69 -23.58
C VAL B 65 11.06 -14.20 -23.59
N ASP B 66 10.94 -14.85 -24.75
CA ASP B 66 11.09 -16.30 -24.79
C ASP B 66 12.44 -16.81 -24.26
N PRO B 67 13.57 -16.10 -24.42
CA PRO B 67 14.79 -16.59 -23.75
C PRO B 67 14.72 -16.49 -22.24
N ALA B 68 14.12 -15.42 -21.71
CA ALA B 68 13.85 -15.35 -20.28
C ALA B 68 12.98 -16.52 -19.84
N MET B 69 11.86 -16.76 -20.55
CA MET B 69 10.99 -17.86 -20.20
C MET B 69 11.69 -19.21 -20.32
N GLU B 70 12.59 -19.35 -21.32
CA GLU B 70 13.30 -20.61 -21.51
C GLU B 70 14.21 -20.95 -20.33
N LYS B 71 14.65 -19.94 -19.55
CA LYS B 71 15.51 -20.18 -18.41
C LYS B 71 14.74 -20.30 -17.08
N ILE B 72 13.48 -20.72 -17.13
CA ILE B 72 12.64 -20.92 -15.95
C ILE B 72 12.33 -22.41 -15.86
N PRO B 73 12.81 -23.10 -14.82
CA PRO B 73 12.44 -24.52 -14.64
C PRO B 73 11.01 -24.67 -14.17
N VAL B 74 10.42 -25.84 -14.47
CA VAL B 74 9.02 -26.13 -14.14
C VAL B 74 8.96 -27.05 -12.91
N GLU B 75 8.22 -26.63 -11.89
CA GLU B 75 8.01 -27.47 -10.71
C GLU B 75 6.86 -28.44 -10.96
N VAL B 76 7.15 -29.73 -10.82
CA VAL B 76 6.14 -30.78 -10.90
C VAL B 76 5.85 -31.21 -9.46
N THR B 77 5.07 -30.39 -8.74
CA THR B 77 4.96 -30.41 -7.28
C THR B 77 3.78 -31.23 -6.76
N ASN B 78 2.63 -31.14 -7.43
CA ASN B 78 1.36 -31.73 -6.99
C ASN B 78 0.92 -31.23 -5.61
N ASN B 79 1.42 -30.07 -5.17
CA ASN B 79 1.12 -29.55 -3.83
C ASN B 79 -0.01 -28.52 -3.80
N GLY B 80 -0.63 -28.22 -4.93
CA GLY B 80 -1.81 -27.37 -4.97
C GLY B 80 -1.57 -25.87 -5.09
N ASN B 81 -0.31 -25.42 -5.08
CA ASN B 81 -0.05 -23.99 -5.15
C ASN B 81 -0.08 -23.53 -6.61
N SER B 82 0.15 -22.23 -6.82
CA SER B 82 0.05 -21.59 -8.13
C SER B 82 1.37 -21.64 -8.91
N ASN B 83 2.39 -22.33 -8.40
CA ASN B 83 3.61 -22.57 -9.14
C ASN B 83 3.69 -23.97 -9.74
N ASP B 84 2.73 -24.84 -9.40
CA ASP B 84 2.63 -26.21 -9.93
C ASP B 84 2.47 -26.19 -11.44
N ARG B 85 3.58 -26.41 -12.16
CA ARG B 85 3.58 -26.51 -13.64
C ARG B 85 3.02 -25.23 -14.28
N THR B 86 3.39 -24.07 -13.71
CA THR B 86 3.03 -22.76 -14.25
C THR B 86 4.22 -21.82 -14.15
N LYS B 87 4.60 -21.20 -15.27
CA LYS B 87 5.78 -20.35 -15.37
C LYS B 87 5.40 -18.88 -15.20
N ARG B 88 6.18 -18.16 -14.39
CA ARG B 88 5.86 -16.77 -14.08
C ARG B 88 7.12 -15.91 -14.10
N PHE B 89 7.04 -14.75 -14.77
CA PHE B 89 8.19 -13.89 -15.03
C PHE B 89 7.72 -12.44 -15.07
N SER B 90 8.37 -11.58 -14.27
CA SER B 90 7.93 -10.20 -14.05
C SER B 90 8.80 -9.12 -14.70
N LYS B 91 10.03 -9.45 -15.11
CA LYS B 91 10.95 -8.44 -15.62
C LYS B 91 10.65 -8.01 -17.07
N CYS B 92 9.39 -7.72 -17.38
CA CYS B 92 9.01 -7.41 -18.76
C CYS B 92 9.58 -6.09 -19.27
N VAL B 93 9.97 -5.17 -18.38
CA VAL B 93 10.49 -3.89 -18.85
C VAL B 93 11.95 -4.02 -19.29
N ILE B 94 12.76 -4.77 -18.56
CA ILE B 94 14.13 -5.01 -19.00
C ILE B 94 14.12 -5.87 -20.27
N ALA B 95 13.38 -6.99 -20.25
CA ALA B 95 13.54 -7.99 -21.29
C ALA B 95 12.97 -7.55 -22.63
N SER B 96 11.98 -6.66 -22.64
CA SER B 96 11.21 -6.40 -23.86
C SER B 96 11.13 -4.92 -24.17
N PRO B 97 11.81 -4.45 -25.23
CA PRO B 97 11.62 -3.05 -25.65
C PRO B 97 10.22 -2.81 -26.19
N THR B 98 9.57 -3.84 -26.72
CA THR B 98 8.18 -3.69 -27.14
C THR B 98 7.27 -3.38 -25.95
N PHE B 99 7.47 -4.10 -24.85
CA PHE B 99 6.62 -3.90 -23.67
C PHE B 99 6.76 -2.49 -23.11
N ARG B 100 8.00 -2.03 -22.91
CA ARG B 100 8.22 -0.78 -22.21
C ARG B 100 8.03 0.44 -23.11
N ASN B 101 8.24 0.29 -24.42
CA ASN B 101 8.08 1.42 -25.35
C ASN B 101 6.71 1.45 -26.01
N GLU B 102 6.01 0.33 -26.05
CA GLU B 102 4.75 0.27 -26.79
C GLU B 102 3.62 -0.20 -25.91
N ILE B 103 3.74 -1.40 -25.33
CA ILE B 103 2.61 -2.01 -24.64
C ILE B 103 2.14 -1.11 -23.49
N ILE B 104 3.06 -0.73 -22.60
CA ILE B 104 2.74 0.04 -21.41
C ILE B 104 2.18 1.42 -21.74
N GLU B 105 2.04 1.75 -23.02
CA GLU B 105 1.64 3.09 -23.44
C GLU B 105 0.28 3.14 -24.14
N SER B 106 -0.57 2.13 -23.96
CA SER B 106 -1.91 2.15 -24.53
C SER B 106 -2.74 3.27 -23.92
N ASP B 107 -3.13 4.25 -24.75
CA ASP B 107 -3.87 5.39 -24.23
C ASP B 107 -5.24 4.99 -23.70
N LEU B 108 -5.81 3.87 -24.17
CA LEU B 108 -7.09 3.41 -23.61
C LEU B 108 -6.91 2.75 -22.24
N MET B 109 -5.76 2.09 -22.01
CA MET B 109 -5.47 1.53 -20.69
C MET B 109 -5.53 2.60 -19.63
N HIS B 110 -4.81 3.70 -19.83
CA HIS B 110 -4.88 4.81 -18.89
C HIS B 110 -6.28 5.37 -18.81
N GLU B 111 -6.97 5.42 -19.95
CA GLU B 111 -8.32 5.97 -19.99
C GLU B 111 -9.26 5.16 -19.12
N LEU B 112 -9.09 3.84 -19.12
CA LEU B 112 -9.87 2.99 -18.21
C LEU B 112 -9.35 3.09 -16.78
N CYS B 113 -8.03 3.03 -16.60
CA CYS B 113 -7.44 3.21 -15.28
C CYS B 113 -7.92 4.50 -14.64
N ASP B 114 -7.91 5.60 -15.39
CA ASP B 114 -8.36 6.88 -14.85
C ASP B 114 -9.83 6.86 -14.48
N ARG B 115 -10.64 5.99 -15.11
CA ARG B 115 -12.05 5.90 -14.77
C ARG B 115 -12.31 4.94 -13.60
N VAL B 116 -11.45 3.94 -13.41
CA VAL B 116 -11.62 3.08 -12.24
C VAL B 116 -11.09 3.75 -10.97
N PHE B 117 -10.06 4.60 -11.07
CA PHE B 117 -9.18 4.91 -9.93
C PHE B 117 -9.04 6.39 -9.61
N SER B 118 -8.87 7.25 -10.62
CA SER B 118 -8.56 8.64 -10.37
C SER B 118 -9.77 9.45 -9.89
N LYS B 119 -9.51 10.43 -9.04
CA LYS B 119 -10.46 11.44 -8.66
C LYS B 119 -10.05 12.78 -9.27
N PRO B 120 -11.01 13.62 -9.67
CA PRO B 120 -10.67 14.77 -10.52
C PRO B 120 -9.90 15.85 -9.77
N GLY B 121 -8.81 16.30 -10.39
CA GLY B 121 -7.92 17.26 -9.78
C GLY B 121 -6.86 16.66 -8.88
N GLU B 122 -6.92 15.34 -8.64
CA GLU B 122 -5.91 14.62 -7.87
C GLU B 122 -4.88 13.90 -8.74
N GLY B 123 -4.93 14.11 -10.06
CA GLY B 123 -4.03 13.43 -10.97
C GLY B 123 -4.22 11.92 -10.93
N MET B 124 -3.18 11.22 -11.37
CA MET B 124 -3.21 9.77 -11.53
C MET B 124 -3.44 9.07 -10.19
N GLY B 125 -4.52 8.29 -10.11
CA GLY B 125 -4.83 7.55 -8.91
C GLY B 125 -4.34 6.13 -8.90
N TYR B 126 -3.47 5.75 -9.82
CA TYR B 126 -3.12 4.36 -10.08
C TYR B 126 -1.62 4.24 -10.38
N HIS B 127 -1.12 3.01 -10.25
CA HIS B 127 0.25 2.69 -10.62
C HIS B 127 0.33 1.17 -10.75
N PHE B 128 1.45 0.68 -11.28
CA PHE B 128 1.58 -0.74 -11.51
C PHE B 128 1.81 -1.51 -10.21
N ASN B 129 1.11 -2.63 -10.11
CA ASN B 129 1.37 -3.68 -9.13
C ASN B 129 2.40 -4.68 -9.66
N ASP B 130 2.20 -5.18 -10.88
CA ASP B 130 3.07 -6.19 -11.44
C ASP B 130 3.00 -6.11 -12.96
N ASN B 131 4.02 -6.70 -13.60
CA ASN B 131 4.07 -6.97 -15.05
C ASN B 131 4.49 -8.42 -15.18
N MET B 132 3.54 -9.34 -15.18
CA MET B 132 3.87 -10.76 -15.12
C MET B 132 3.53 -11.41 -16.46
N VAL B 133 4.38 -12.34 -16.89
CA VAL B 133 4.04 -13.27 -17.97
C VAL B 133 3.84 -14.64 -17.34
N ILE B 134 2.63 -15.18 -17.52
CA ILE B 134 2.20 -16.42 -16.88
C ILE B 134 2.04 -17.47 -17.96
N GLU B 135 2.83 -18.54 -17.87
CA GLU B 135 2.82 -19.62 -18.86
C GLU B 135 2.35 -20.91 -18.21
N VAL B 136 1.07 -21.27 -18.43
CA VAL B 136 0.51 -22.50 -17.90
C VAL B 136 1.12 -23.67 -18.66
N GLN B 137 2.06 -24.37 -18.03
CA GLN B 137 2.71 -25.48 -18.68
C GLN B 137 1.71 -26.61 -18.91
N PRO B 138 1.86 -27.35 -20.02
CA PRO B 138 0.85 -28.36 -20.39
C PRO B 138 0.68 -29.42 -19.29
N GLY B 139 -0.56 -29.63 -18.87
CA GLY B 139 -0.88 -30.58 -17.82
C GLY B 139 -0.89 -30.04 -16.41
N ALA B 140 -1.08 -28.70 -16.23
CA ALA B 140 -1.01 -28.06 -14.91
C ALA B 140 -2.34 -28.16 -14.20
N PRO B 141 -2.35 -28.49 -12.90
CA PRO B 141 -3.59 -28.43 -12.13
C PRO B 141 -4.26 -27.07 -12.29
N ALA B 142 -5.60 -27.06 -12.19
CA ALA B 142 -6.33 -25.81 -12.19
C ALA B 142 -5.94 -24.94 -10.99
N GLN B 143 -5.85 -23.64 -11.21
CA GLN B 143 -5.52 -22.72 -10.14
C GLN B 143 -6.73 -22.48 -9.25
N ARG B 144 -6.49 -22.50 -7.93
CA ARG B 144 -7.56 -22.27 -6.97
C ARG B 144 -8.35 -21.01 -7.33
N LEU B 145 -9.67 -21.07 -7.12
CA LEU B 145 -10.52 -19.90 -7.35
C LEU B 145 -10.22 -18.82 -6.35
N HIS B 146 -10.16 -17.56 -6.82
CA HIS B 146 -9.74 -16.47 -5.96
C HIS B 146 -10.19 -15.14 -6.55
N ARG B 147 -10.25 -14.13 -5.68
CA ARG B 147 -10.30 -12.74 -6.09
C ARG B 147 -8.89 -12.15 -6.00
N ASP B 148 -8.53 -11.35 -7.01
CA ASP B 148 -7.21 -10.72 -7.00
C ASP B 148 -7.00 -9.84 -5.77
N GLN B 149 -8.06 -9.19 -5.28
CA GLN B 149 -7.93 -8.32 -4.12
C GLN B 149 -7.66 -9.09 -2.84
N GLU B 150 -7.58 -10.43 -2.88
CA GLU B 150 -7.11 -11.19 -1.71
C GLU B 150 -5.65 -10.90 -1.42
N LEU B 151 -4.93 -10.33 -2.38
CA LEU B 151 -3.55 -9.90 -2.16
C LEU B 151 -3.47 -8.84 -1.06
N TYR B 152 -4.48 -7.98 -0.97
CA TYR B 152 -4.67 -6.99 0.07
C TYR B 152 -5.72 -7.51 1.04
N PRO B 153 -5.31 -8.23 2.09
CA PRO B 153 -6.22 -9.22 2.71
C PRO B 153 -7.50 -8.67 3.33
N TRP B 154 -7.59 -7.38 3.67
CA TRP B 154 -8.80 -6.83 4.28
C TRP B 154 -9.86 -6.42 3.27
N TRP B 155 -9.53 -6.40 1.98
CA TRP B 155 -10.41 -5.75 1.01
C TRP B 155 -11.75 -6.46 0.90
N ASN B 156 -11.74 -7.80 0.91
CA ASN B 156 -12.98 -8.55 0.87
C ASN B 156 -13.91 -8.15 1.99
N SER B 157 -13.34 -7.81 3.17
CA SER B 157 -14.19 -7.52 4.32
C SER B 157 -15.08 -6.31 4.06
N MET B 158 -14.74 -5.49 3.06
CA MET B 158 -15.57 -4.37 2.69
C MET B 158 -16.69 -4.73 1.72
N GLY B 159 -16.70 -5.96 1.19
CA GLY B 159 -17.76 -6.37 0.28
C GLY B 159 -17.86 -5.48 -0.94
N PRO B 160 -18.97 -5.61 -1.68
CA PRO B 160 -19.05 -4.95 -3.01
C PRO B 160 -19.25 -3.45 -2.93
N ALA B 161 -19.59 -2.89 -1.76
CA ALA B 161 -19.66 -1.45 -1.60
C ALA B 161 -18.28 -0.82 -1.45
N GLY B 162 -17.26 -1.61 -1.12
CA GLY B 162 -15.91 -1.11 -1.04
C GLY B 162 -15.41 -0.61 -2.37
N PRO B 163 -14.38 0.24 -2.33
CA PRO B 163 -13.83 0.76 -3.58
C PRO B 163 -13.02 -0.32 -4.28
N GLU B 164 -12.63 0.01 -5.50
CA GLU B 164 -11.82 -0.91 -6.29
C GLU B 164 -10.41 -0.98 -5.71
N CYS B 165 -9.90 -2.20 -5.59
CA CYS B 165 -8.54 -2.41 -5.09
C CYS B 165 -7.55 -2.49 -6.26
N VAL B 166 -7.80 -3.42 -7.19
CA VAL B 166 -6.86 -3.82 -8.23
C VAL B 166 -7.66 -4.17 -9.48
N ILE B 167 -7.05 -3.92 -10.65
CA ILE B 167 -7.60 -4.37 -11.91
C ILE B 167 -6.46 -4.95 -12.73
N ASN B 168 -6.76 -5.98 -13.49
CA ASN B 168 -5.79 -6.68 -14.33
C ASN B 168 -6.24 -6.57 -15.78
N PHE B 169 -5.41 -5.96 -16.61
CA PHE B 169 -5.54 -6.14 -18.06
C PHE B 169 -4.80 -7.43 -18.37
N PHE B 170 -5.56 -8.53 -18.49
CA PHE B 170 -5.02 -9.88 -18.62
C PHE B 170 -5.10 -10.28 -20.09
N CYS B 171 -3.94 -10.25 -20.77
CA CYS B 171 -3.87 -10.34 -22.21
C CYS B 171 -3.30 -11.68 -22.63
N ALA B 172 -3.85 -12.26 -23.70
CA ALA B 172 -3.35 -13.55 -24.20
C ALA B 172 -2.08 -13.36 -25.03
N VAL B 173 -1.10 -14.24 -24.82
CA VAL B 173 0.18 -14.22 -25.56
C VAL B 173 0.18 -15.31 -26.64
N THR B 174 -0.02 -16.56 -26.22
CA THR B 174 -0.47 -17.65 -27.09
C THR B 174 -1.98 -17.82 -26.92
N PRO B 175 -2.64 -18.63 -27.77
CA PRO B 175 -4.11 -18.68 -27.72
C PRO B 175 -4.66 -19.26 -26.41
N PHE B 176 -5.74 -18.65 -25.94
CA PHE B 176 -6.46 -19.12 -24.75
C PHE B 176 -7.70 -19.89 -25.21
N THR B 177 -7.65 -21.21 -25.01
CA THR B 177 -8.70 -22.14 -25.43
C THR B 177 -9.29 -22.80 -24.20
N GLU B 178 -10.41 -23.50 -24.37
CA GLU B 178 -10.97 -24.22 -23.24
C GLU B 178 -10.17 -25.46 -22.86
N GLU B 179 -9.11 -25.80 -23.61
CA GLU B 179 -8.34 -27.00 -23.33
C GLU B 179 -6.94 -26.72 -22.77
N ASN B 180 -6.25 -25.66 -23.21
CA ASN B 180 -4.88 -25.43 -22.75
C ASN B 180 -4.81 -24.90 -21.32
N GLY B 181 -5.89 -24.28 -20.82
CA GLY B 181 -5.96 -23.81 -19.45
C GLY B 181 -6.38 -22.36 -19.29
N ALA B 182 -7.10 -21.79 -20.27
CA ALA B 182 -7.51 -20.40 -20.23
C ALA B 182 -8.19 -20.08 -18.90
N THR B 183 -8.18 -18.81 -18.50
CA THR B 183 -8.74 -18.44 -17.20
C THR B 183 -10.25 -18.55 -17.21
N ARG B 184 -10.80 -19.09 -16.14
CA ARG B 184 -12.24 -19.20 -15.99
C ARG B 184 -12.73 -18.01 -15.16
N LEU B 185 -13.65 -17.22 -15.72
CA LEU B 185 -14.19 -16.03 -15.06
C LEU B 185 -15.54 -16.34 -14.42
N VAL B 186 -15.87 -15.60 -13.37
CA VAL B 186 -17.22 -15.64 -12.79
C VAL B 186 -17.79 -14.22 -12.84
N PRO B 187 -18.30 -13.77 -13.99
CA PRO B 187 -18.89 -12.42 -14.04
C PRO B 187 -20.00 -12.27 -13.02
N GLY B 188 -20.09 -11.09 -12.43
CA GLY B 188 -21.07 -10.81 -11.40
C GLY B 188 -20.66 -11.21 -9.99
N SER B 189 -19.54 -11.89 -9.82
CA SER B 189 -19.09 -12.21 -8.47
C SER B 189 -18.60 -10.96 -7.73
N HIS B 190 -18.59 -9.81 -8.38
CA HIS B 190 -18.25 -8.55 -7.74
C HIS B 190 -19.46 -7.89 -7.07
N LEU B 191 -20.67 -8.39 -7.31
CA LEU B 191 -21.87 -7.87 -6.65
C LEU B 191 -22.44 -8.83 -5.63
N TRP B 192 -21.81 -9.99 -5.39
CA TRP B 192 -22.27 -10.86 -4.31
C TRP B 192 -22.23 -10.10 -2.98
N PRO B 193 -23.08 -10.46 -2.03
CA PRO B 193 -23.22 -9.66 -0.80
C PRO B 193 -22.12 -9.86 0.22
N GLU B 194 -21.52 -11.06 0.23
CA GLU B 194 -20.37 -11.38 1.09
C GLU B 194 -19.23 -11.85 0.21
N PHE B 195 -18.08 -11.21 0.34
CA PHE B 195 -16.84 -11.64 -0.31
C PHE B 195 -16.08 -12.54 0.65
N THR B 196 -15.95 -13.82 0.31
CA THR B 196 -15.23 -14.80 1.14
C THR B 196 -14.07 -15.41 0.37
N GLN B 197 -13.23 -16.12 1.10
CA GLN B 197 -12.35 -17.11 0.50
C GLN B 197 -13.18 -18.19 -0.17
N ILE B 198 -12.76 -18.62 -1.36
CA ILE B 198 -13.54 -19.58 -2.16
C ILE B 198 -13.06 -20.96 -1.75
N ASN B 199 -13.56 -21.42 -0.59
CA ASN B 199 -13.25 -22.72 -0.02
C ASN B 199 -14.55 -23.34 0.46
N GLU B 200 -14.57 -24.68 0.56
CA GLU B 200 -15.77 -25.38 1.05
C GLU B 200 -16.11 -24.93 2.47
N ARG B 201 -15.07 -24.71 3.30
CA ARG B 201 -15.28 -24.21 4.66
C ARG B 201 -15.85 -22.80 4.63
N ASP B 202 -15.28 -21.92 3.80
CA ASP B 202 -15.61 -20.50 3.81
C ASP B 202 -16.66 -20.09 2.80
N CYS B 203 -16.76 -20.77 1.65
CA CYS B 203 -17.70 -20.32 0.65
C CYS B 203 -18.94 -21.22 0.62
N PRO B 204 -20.11 -20.69 0.99
CA PRO B 204 -21.33 -21.52 0.94
C PRO B 204 -21.69 -22.01 -0.45
N GLN B 205 -21.06 -21.49 -1.49
CA GLN B 205 -21.41 -21.85 -2.85
C GLN B 205 -20.36 -22.72 -3.53
N PHE B 206 -19.50 -23.39 -2.74
CA PHE B 206 -18.39 -24.16 -3.32
C PHE B 206 -18.92 -25.38 -4.07
N GLY B 207 -18.31 -25.66 -5.23
CA GLY B 207 -18.78 -26.70 -6.13
C GLY B 207 -19.92 -26.28 -7.04
N LYS B 208 -20.66 -25.22 -6.70
CA LYS B 208 -21.77 -24.74 -7.51
C LYS B 208 -21.47 -23.41 -8.18
N ILE B 209 -20.22 -22.95 -8.14
CA ILE B 209 -19.85 -21.67 -8.74
C ILE B 209 -19.68 -21.86 -10.25
N GLU B 210 -20.49 -21.14 -11.02
CA GLU B 210 -20.50 -21.32 -12.47
C GLU B 210 -19.52 -20.35 -13.12
N THR B 211 -18.49 -20.89 -13.74
CA THR B 211 -17.47 -20.09 -14.41
C THR B 211 -17.79 -19.95 -15.89
N VAL B 212 -16.99 -19.13 -16.55
CA VAL B 212 -16.94 -19.05 -18.01
C VAL B 212 -15.46 -19.05 -18.37
N PRO B 213 -15.00 -19.90 -19.28
CA PRO B 213 -13.59 -19.81 -19.72
C PRO B 213 -13.37 -18.64 -20.67
N ALA B 214 -12.26 -17.92 -20.43
CA ALA B 214 -11.93 -16.73 -21.21
C ALA B 214 -11.26 -17.07 -22.54
N MET B 216 -10.09 -16.58 -26.14
CA MET B 216 -9.24 -15.46 -26.51
C MET B 216 -8.11 -15.84 -27.46
N GLN B 217 -7.81 -14.95 -28.40
CA GLN B 217 -6.68 -15.08 -29.31
C GLN B 217 -5.56 -14.12 -28.90
N PRO B 218 -4.33 -14.36 -29.34
CA PRO B 218 -3.22 -13.45 -29.01
C PRO B 218 -3.55 -11.99 -29.29
N GLY B 219 -3.22 -11.13 -28.32
CA GLY B 219 -3.49 -9.71 -28.40
C GLY B 219 -4.75 -9.28 -27.68
N ASP B 220 -5.65 -10.21 -27.37
CA ASP B 220 -6.84 -9.88 -26.61
C ASP B 220 -6.47 -9.73 -25.13
N CYS B 221 -6.99 -8.68 -24.50
CA CYS B 221 -6.98 -8.53 -23.06
C CYS B 221 -8.34 -8.87 -22.50
N TYR B 222 -8.42 -8.93 -21.18
CA TYR B 222 -9.69 -8.79 -20.49
C TYR B 222 -9.46 -8.02 -19.19
N LEU B 223 -10.19 -6.91 -19.02
CA LEU B 223 -10.13 -6.09 -17.81
C LEU B 223 -11.03 -6.72 -16.76
N MET B 224 -10.43 -7.36 -15.75
CA MET B 224 -11.17 -7.99 -14.67
C MET B 224 -11.02 -7.21 -13.36
N SER B 225 -12.16 -6.89 -12.73
CA SER B 225 -12.14 -6.27 -11.42
C SER B 225 -11.45 -7.16 -10.39
N GLY B 226 -10.88 -6.52 -9.37
CA GLY B 226 -10.28 -7.29 -8.31
C GLY B 226 -11.28 -8.03 -7.45
N LYS B 227 -12.57 -7.74 -7.62
CA LYS B 227 -13.63 -8.38 -6.85
C LYS B 227 -14.14 -9.67 -7.49
N VAL B 228 -13.70 -9.99 -8.71
CA VAL B 228 -14.28 -11.07 -9.49
C VAL B 228 -13.54 -12.38 -9.22
N ILE B 229 -14.32 -13.45 -8.98
CA ILE B 229 -13.77 -14.77 -8.73
C ILE B 229 -13.27 -15.36 -10.05
N HIS B 230 -12.16 -16.07 -10.00
CA HIS B 230 -11.55 -16.57 -11.22
C HIS B 230 -10.42 -17.53 -10.89
N GLY B 231 -9.89 -18.17 -11.93
CA GLY B 231 -8.79 -19.09 -11.83
C GLY B 231 -8.35 -19.64 -13.18
N ALA B 232 -7.11 -20.09 -13.28
CA ALA B 232 -6.66 -20.81 -14.47
C ALA B 232 -7.04 -22.29 -14.36
N GLY B 233 -7.39 -22.89 -15.49
CA GLY B 233 -7.83 -24.28 -15.54
C GLY B 233 -6.69 -25.26 -15.75
N HIS B 234 -7.05 -26.50 -16.13
CA HIS B 234 -6.06 -27.55 -16.40
C HIS B 234 -5.34 -27.31 -17.71
N THR B 237 -3.88 -30.28 -21.94
CA THR B 237 -3.25 -30.77 -23.18
C THR B 237 -1.87 -31.39 -22.99
N THR B 238 -1.18 -31.62 -24.11
CA THR B 238 0.07 -32.37 -24.17
C THR B 238 1.27 -31.54 -24.59
N THR B 239 1.07 -30.47 -25.37
CA THR B 239 2.15 -29.64 -25.89
C THR B 239 1.91 -28.14 -25.76
N ASP B 240 0.73 -27.68 -25.29
CA ASP B 240 0.36 -26.27 -25.35
C ASP B 240 0.89 -25.52 -24.12
N ARG B 241 1.85 -24.63 -24.37
CA ARG B 241 2.33 -23.65 -23.39
C ARG B 241 1.46 -22.41 -23.54
N ARG B 242 0.40 -22.35 -22.72
CA ARG B 242 -0.56 -21.25 -22.79
C ARG B 242 -0.01 -20.06 -22.02
N ARG B 243 0.39 -19.02 -22.75
CA ARG B 243 1.15 -17.91 -22.20
C ARG B 243 0.30 -16.64 -22.19
N ALA B 244 0.40 -15.87 -21.10
CA ALA B 244 -0.38 -14.65 -20.93
C ALA B 244 0.50 -13.52 -20.38
N LEU B 245 0.03 -12.28 -20.56
CA LEU B 245 0.67 -11.07 -20.01
C LEU B 245 -0.29 -10.30 -19.09
N ALA B 246 0.05 -10.22 -17.79
CA ALA B 246 -0.81 -9.62 -16.78
C ALA B 246 -0.33 -8.21 -16.44
N LEU B 247 -1.19 -7.21 -16.69
CA LEU B 247 -0.93 -5.81 -16.31
C LEU B 247 -1.78 -5.46 -15.10
N ALA B 248 -1.35 -5.91 -13.92
CA ALA B 248 -2.07 -5.62 -12.70
C ALA B 248 -1.79 -4.18 -12.25
N ILE B 249 -2.85 -3.44 -11.96
CA ILE B 249 -2.80 -2.01 -11.66
C ILE B 249 -3.59 -1.74 -10.39
N ILE B 250 -3.01 -0.97 -9.46
CA ILE B 250 -3.55 -0.77 -8.11
C ILE B 250 -3.72 0.73 -7.88
N ARG B 251 -4.50 1.09 -6.85
CA ARG B 251 -4.59 2.51 -6.55
C ARG B 251 -3.28 3.01 -5.92
N ARG B 252 -3.08 4.33 -5.96
CA ARG B 252 -1.78 4.89 -5.59
C ARG B 252 -1.44 4.65 -4.13
N GLU B 253 -2.43 4.37 -3.28
CA GLU B 253 -2.19 4.19 -1.85
C GLU B 253 -1.74 2.77 -1.50
N LEU B 254 -1.77 1.87 -2.47
CA LEU B 254 -1.36 0.48 -2.26
C LEU B 254 0.07 0.25 -2.73
N ARG B 255 0.67 -0.71 -2.17
CA ARG B 255 2.05 -1.03 -2.44
C ARG B 255 2.18 -2.10 -3.51
N PRO B 256 3.12 -1.95 -4.44
CA PRO B 256 3.27 -2.96 -5.50
C PRO B 256 3.98 -4.23 -5.04
N MET B 257 3.66 -5.31 -5.76
CA MET B 257 4.33 -6.58 -5.52
C MET B 257 5.76 -6.55 -6.01
N GLN B 258 6.07 -5.69 -6.98
CA GLN B 258 7.39 -5.61 -7.57
C GLN B 258 8.02 -4.26 -7.21
N ALA B 259 9.27 -4.29 -6.78
CA ALA B 259 10.04 -3.10 -6.46
C ALA B 259 10.64 -2.53 -7.75
N PHE B 260 9.76 -2.05 -8.63
CA PHE B 260 10.19 -1.76 -10.00
C PHE B 260 11.23 -0.63 -10.04
N SER B 261 11.09 0.38 -9.18
CA SER B 261 12.05 1.48 -9.23
C SER B 261 13.42 1.10 -8.67
N LEU B 262 13.56 -0.11 -8.14
CA LEU B 262 14.83 -0.61 -7.64
C LEU B 262 15.46 -1.66 -8.56
N SER B 263 14.70 -2.22 -9.50
CA SER B 263 15.24 -3.21 -10.42
C SER B 263 15.32 -2.73 -11.85
N VAL B 264 14.39 -1.90 -12.31
CA VAL B 264 14.42 -1.29 -13.63
C VAL B 264 15.49 -0.20 -13.65
N PRO B 265 16.53 -0.33 -14.49
CA PRO B 265 17.62 0.65 -14.48
C PRO B 265 17.18 2.07 -14.83
N MET B 266 17.92 3.04 -14.28
CA MET B 266 17.60 4.44 -14.52
C MET B 266 17.57 4.78 -16.00
N LYS B 267 18.40 4.12 -16.82
CA LYS B 267 18.44 4.41 -18.25
C LYS B 267 17.06 4.23 -18.88
N LEU B 268 16.42 3.09 -18.64
CA LEU B 268 15.08 2.86 -19.17
C LEU B 268 14.08 3.85 -18.59
N ALA B 269 14.23 4.22 -17.31
CA ALA B 269 13.30 5.16 -16.70
C ALA B 269 13.40 6.53 -17.33
N ARG B 270 14.59 6.90 -17.81
CA ARG B 270 14.75 8.17 -18.50
C ARG B 270 14.04 8.17 -19.85
N GLU B 271 13.81 7.00 -20.44
CA GLU B 271 13.10 6.91 -21.69
C GLU B 271 11.58 6.87 -21.54
N MET B 272 11.06 6.75 -20.31
CA MET B 272 9.63 6.63 -20.09
C MET B 272 8.93 7.99 -20.07
N SER B 273 7.67 8.00 -20.49
CA SER B 273 6.85 9.18 -20.36
C SER B 273 6.69 9.55 -18.90
N GLU B 274 6.28 10.78 -18.65
CA GLU B 274 6.01 11.20 -17.27
C GLU B 274 4.96 10.28 -16.62
N ARG B 275 3.91 9.92 -17.35
CA ARG B 275 2.89 9.08 -16.76
C ARG B 275 3.38 7.66 -16.52
N SER B 276 4.27 7.14 -17.38
CA SER B 276 4.81 5.80 -17.17
C SER B 276 5.82 5.77 -16.05
N GLN B 277 6.52 6.89 -15.83
CA GLN B 277 7.36 6.99 -14.67
C GLN B 277 6.53 6.89 -13.40
N THR B 278 5.35 7.54 -13.38
CA THR B 278 4.45 7.42 -12.23
C THR B 278 3.95 5.99 -12.06
N MET B 279 3.77 5.26 -13.16
CA MET B 279 3.29 3.88 -13.07
C MET B 279 4.29 2.99 -12.33
N PHE B 280 5.58 3.20 -12.57
CA PHE B 280 6.63 2.42 -11.93
C PHE B 280 7.25 3.11 -10.71
N GLY B 281 6.75 4.27 -10.32
CA GLY B 281 7.19 4.84 -9.07
C GLY B 281 8.49 5.60 -9.13
N PHE B 282 8.92 6.00 -10.34
CA PHE B 282 10.02 6.94 -10.51
C PHE B 282 9.56 8.38 -10.35
N ARG B 283 8.25 8.59 -10.21
CA ARG B 283 7.64 9.91 -10.11
C ARG B 283 6.44 9.78 -9.18
N SER B 284 6.07 10.87 -8.53
CA SER B 284 5.08 10.77 -7.47
C SER B 284 3.64 10.98 -7.97
N HIS B 295 0.50 13.63 -1.36
CA HIS B 295 1.64 13.19 -2.13
C HIS B 295 2.18 11.87 -1.57
N PHE B 296 1.80 10.74 -2.17
CA PHE B 296 2.40 9.46 -1.79
C PHE B 296 3.74 9.28 -2.47
N TRP B 297 4.61 8.50 -1.83
CA TRP B 297 5.85 8.11 -2.46
C TRP B 297 6.65 9.34 -2.87
N GLY B 298 6.69 10.34 -1.98
CA GLY B 298 7.38 11.58 -2.24
C GLY B 298 8.78 11.60 -1.64
N ASN B 299 9.40 12.78 -1.69
CA ASN B 299 10.76 12.98 -1.18
C ASN B 299 10.75 14.28 -0.39
N ASP B 300 10.44 14.16 0.91
CA ASP B 300 10.39 15.29 1.84
C ASP B 300 9.69 16.50 1.22
N GLY B 301 8.39 16.37 0.97
CA GLY B 301 7.63 17.44 0.36
C GLY B 301 7.88 17.68 -1.12
N LYS B 302 8.88 17.04 -1.73
CA LYS B 302 9.12 17.22 -3.14
C LYS B 302 8.81 15.93 -3.90
N ASP B 303 8.63 16.07 -5.23
CA ASP B 303 8.53 14.89 -6.09
C ASP B 303 9.84 14.11 -6.05
N ILE B 304 9.72 12.78 -5.99
CA ILE B 304 10.92 11.94 -6.01
C ILE B 304 11.66 12.09 -7.33
N ALA B 305 10.98 12.55 -8.39
CA ALA B 305 11.62 12.67 -9.69
C ALA B 305 12.65 13.79 -9.73
N HIS B 306 12.53 14.80 -8.87
CA HIS B 306 13.60 15.79 -8.75
C HIS B 306 14.92 15.13 -8.39
N HIS B 307 14.97 14.45 -7.23
CA HIS B 307 16.19 13.80 -6.77
C HIS B 307 16.73 12.79 -7.77
N LEU B 308 15.89 12.25 -8.65
CA LEU B 308 16.31 11.24 -9.62
C LEU B 308 16.85 11.85 -10.92
N GLY B 309 16.84 13.16 -11.06
CA GLY B 309 17.34 13.80 -12.27
C GLY B 309 16.41 13.66 -13.45
N LEU B 310 15.10 13.72 -13.20
CA LEU B 310 14.09 13.46 -14.22
C LEU B 310 13.20 14.66 -14.52
N ILE B 311 13.32 15.75 -13.77
CA ILE B 311 12.54 16.96 -14.02
C ILE B 311 13.47 18.05 -14.53
N SER B 312 13.13 18.63 -15.69
CA SER B 312 13.97 19.60 -16.36
C SER B 312 14.03 20.92 -15.60
FE FE C . -2.31 12.83 12.92
C1 AKG D . -0.53 14.45 12.07
O1 AKG D . 0.29 15.04 11.30
O2 AKG D . -1.28 13.51 11.63
C2 AKG D . -0.62 14.86 13.53
O5 AKG D . -1.44 14.38 14.24
C3 AKG D . 0.33 15.90 14.09
C4 AKG D . -0.12 16.18 15.52
C5 AKG D . 0.95 16.99 16.24
O3 AKG D . 1.92 17.50 15.61
O4 AKG D . 0.86 17.19 17.46
FE FE E . -5.77 -14.02 -10.33
C1 AKG F . -3.21 -15.12 -10.97
O1 AKG F . -2.16 -15.78 -10.78
O2 AKG F . -3.50 -14.11 -10.28
C2 AKG F . -4.19 -15.54 -12.04
O5 AKG F . -5.28 -15.85 -11.72
C3 AKG F . -3.78 -15.60 -13.50
C4 AKG F . -4.72 -16.59 -14.19
C5 AKG F . -4.00 -17.42 -15.26
O3 AKG F . -2.79 -17.80 -15.12
O4 AKG F . -4.65 -17.72 -16.31
C10 8SX G . -0.48 -12.84 -5.68
C13 8SX G . 1.21 -15.55 -4.34
C15 8SX G . -2.17 -15.95 -6.37
C17 8SX G . -0.92 -13.89 -3.44
C20 8SX G . -3.34 -10.85 -8.58
C21 8SX G . -2.83 -9.61 -9.28
C22 8SX G . -1.33 -11.03 -10.73
C24 8SX G . -2.25 -11.58 -11.85
C26 8SX G . 3.14 -17.92 -5.91
C01 8SX G . -1.00 -12.11 -9.62
C02 8SX G . -0.88 -11.74 -8.09
C03 8SX G . 0.22 -12.96 -10.03
C04 8SX G . 0.51 -14.22 -9.18
C05 8SX G . 0.67 -14.05 -7.65
C06 8SX G . -0.48 -13.03 -7.23
C07 8SX G . 0.50 -15.43 -6.83
C08 8SX G . 0.37 -15.11 -5.32
C09 8SX G . -0.77 -14.17 -4.96
C11 8SX G . 0.13 -10.58 -7.86
C12 8SX G . 2.10 -13.47 -7.35
C14 8SX G . -2.14 -14.71 -5.43
O01 8SX G . -3.15 -14.14 -5.05
C16 8SX G . -0.85 -16.15 -7.20
O02 8SX G . -0.87 -16.88 -8.18
C18 8SX G . -3.39 -15.86 -7.31
O03 8SX G . -2.47 -17.10 -5.57
C19 8SX G . -2.29 -11.30 -7.55
O04 8SX G . -1.84 -9.82 -10.22
O05 8SX G . -3.26 -8.51 -9.01
C23 8SX G . -0.07 -10.51 -11.46
C25 8SX G . 1.60 -16.53 -7.13
O06 8SX G . 2.28 -16.46 -8.13
O07 8SX G . 1.80 -17.56 -6.23
#